data_3H7M
#
_entry.id   3H7M
#
_cell.length_a   122.920
_cell.length_b   122.920
_cell.length_c   81.692
_cell.angle_alpha   90.000
_cell.angle_beta   90.000
_cell.angle_gamma   120.000
#
_symmetry.space_group_name_H-M   'P 65 2 2'
#
loop_
_entity.id
_entity.type
_entity.pdbx_description
1 polymer 'Sensor protein'
2 non-polymer 'SODIUM ION'
3 water water
#
_entity_poly.entity_id   1
_entity_poly.type   'polypeptide(L)'
_entity_poly.pdbx_seq_one_letter_code
;GSADAPRDRHRTIVVGGDRDYPPYEFIDQNGKPAGYNVELTRAIAEVMGMTVEFRLGAWSEMFSALKSGRVDVLQGISWS
EKRARQIDFTPPHTIVYHAIFARRDSPPAAGLEDLRGRKVALHRDGIMHEYLAERGYGKDLVLTPTPADALRLLAAGGCD
YAVVAMVPGMYIIRENRLTNLVPVARSIAAQRYGYAVRQGDAELLARFSEGLAILRKTGQYEAIRAKWLGVLEP
;
_entity_poly.pdbx_strand_id   A
#
loop_
_chem_comp.id
_chem_comp.type
_chem_comp.name
_chem_comp.formula
NA non-polymer 'SODIUM ION' 'Na 1'
#
# COMPACT_ATOMS: atom_id res chain seq x y z
N ARG A 7 -15.48 20.37 17.32
CA ARG A 7 -15.80 19.75 18.63
C ARG A 7 -15.39 18.27 18.61
N ASP A 8 -16.34 17.38 18.38
CA ASP A 8 -16.05 15.95 18.33
C ASP A 8 -16.01 15.53 16.87
N ARG A 9 -17.00 16.01 16.09
CA ARG A 9 -17.06 15.70 14.66
C ARG A 9 -16.21 16.72 13.92
N HIS A 10 -15.90 17.81 14.61
CA HIS A 10 -15.10 18.87 14.01
C HIS A 10 -13.67 18.78 14.48
N ARG A 11 -13.41 17.76 15.29
CA ARG A 11 -12.07 17.49 15.80
C ARG A 11 -11.22 16.97 14.63
N THR A 12 -10.24 17.74 14.19
CA THR A 12 -9.38 17.32 13.09
C THR A 12 -9.01 15.84 13.12
N ILE A 13 -9.28 15.15 12.02
CA ILE A 13 -8.92 13.74 11.92
C ILE A 13 -7.51 13.66 11.34
N VAL A 14 -6.65 12.92 12.03
CA VAL A 14 -5.28 12.77 11.59
C VAL A 14 -5.12 11.50 10.78
N VAL A 15 -4.68 11.67 9.54
CA VAL A 15 -4.53 10.57 8.62
C VAL A 15 -3.12 10.04 8.45
N GLY A 16 -2.94 8.77 8.82
CA GLY A 16 -1.64 8.15 8.69
C GLY A 16 -1.50 7.45 7.35
N GLY A 17 -0.27 7.23 6.94
CA GLY A 17 0.00 6.54 5.69
C GLY A 17 1.48 6.44 5.47
N ASP A 18 1.88 5.75 4.41
CA ASP A 18 3.29 5.58 4.08
C ASP A 18 3.75 6.79 3.28
N ARG A 19 4.88 7.37 3.66
CA ARG A 19 5.44 8.52 2.95
C ARG A 19 6.04 8.11 1.60
N ASP A 20 6.22 6.80 1.39
CA ASP A 20 6.80 6.25 0.16
C ASP A 20 6.07 5.05 -0.46
N TYR A 21 4.82 5.25 -0.87
CA TYR A 21 4.06 4.15 -1.48
C TYR A 21 3.27 4.65 -2.70
N PRO A 22 3.96 5.22 -3.71
CA PRO A 22 3.26 5.70 -4.89
C PRO A 22 2.76 4.56 -5.74
N PRO A 23 1.69 4.78 -6.49
CA PRO A 23 0.89 6.00 -6.59
C PRO A 23 -0.23 6.11 -5.56
N TYR A 24 -0.27 5.23 -4.56
CA TYR A 24 -1.32 5.27 -3.56
C TYR A 24 -1.18 6.43 -2.61
N GLU A 25 0.01 6.58 -2.04
CA GLU A 25 0.27 7.67 -1.13
C GLU A 25 1.76 7.98 -1.04
N PHE A 26 2.09 9.26 -0.98
CA PHE A 26 3.48 9.67 -0.89
C PHE A 26 3.63 11.17 -0.77
N ILE A 27 4.71 11.58 -0.11
CA ILE A 27 5.03 12.99 0.02
C ILE A 27 5.74 13.29 -1.29
N ASP A 28 5.26 14.29 -2.03
CA ASP A 28 5.87 14.60 -3.31
C ASP A 28 7.08 15.54 -3.23
N GLN A 29 7.72 15.76 -4.38
CA GLN A 29 8.90 16.60 -4.47
C GLN A 29 8.72 17.94 -3.77
N ASN A 30 7.49 18.47 -3.81
CA ASN A 30 7.21 19.75 -3.17
C ASN A 30 6.95 19.62 -1.69
N GLY A 31 7.09 18.39 -1.17
CA GLY A 31 6.86 18.14 0.24
C GLY A 31 5.39 17.94 0.60
N LYS A 32 4.54 17.78 -0.41
CA LYS A 32 3.10 17.63 -0.21
C LYS A 32 2.56 16.19 -0.23
N PRO A 33 1.54 15.91 0.60
CA PRO A 33 0.92 14.59 0.66
C PRO A 33 0.29 14.43 -0.71
N ALA A 34 0.46 13.29 -1.35
CA ALA A 34 -0.08 13.09 -2.69
C ALA A 34 -0.45 11.64 -2.97
N GLY A 35 -1.20 11.45 -4.05
CA GLY A 35 -1.59 10.11 -4.43
C GLY A 35 -3.05 9.79 -4.38
N TYR A 36 -3.38 8.63 -4.95
CA TYR A 36 -4.73 8.10 -5.01
C TYR A 36 -5.40 8.15 -3.63
N ASN A 37 -4.74 7.61 -2.61
CA ASN A 37 -5.29 7.57 -1.26
C ASN A 37 -5.64 8.98 -0.77
N VAL A 38 -4.70 9.88 -0.96
CA VAL A 38 -4.82 11.28 -0.55
C VAL A 38 -6.03 11.95 -1.20
N GLU A 39 -6.13 11.80 -2.49
CA GLU A 39 -7.23 12.38 -3.22
C GLU A 39 -8.55 11.77 -2.73
N LEU A 40 -8.53 10.47 -2.48
CA LEU A 40 -9.71 9.76 -2.00
C LEU A 40 -10.10 10.31 -0.62
N THR A 41 -9.12 10.36 0.27
CA THR A 41 -9.36 10.89 1.60
C THR A 41 -9.84 12.33 1.56
N ARG A 42 -9.24 13.17 0.73
CA ARG A 42 -9.69 14.55 0.67
C ARG A 42 -11.11 14.60 0.18
N ALA A 43 -11.42 13.75 -0.80
CA ALA A 43 -12.77 13.78 -1.34
C ALA A 43 -13.76 13.34 -0.27
N ILE A 44 -13.40 12.33 0.51
CA ILE A 44 -14.28 11.82 1.56
C ILE A 44 -14.48 12.89 2.62
N ALA A 45 -13.38 13.56 3.00
CA ALA A 45 -13.41 14.60 4.02
C ALA A 45 -14.39 15.65 3.56
N GLU A 46 -14.40 15.90 2.27
CA GLU A 46 -15.29 16.90 1.77
C GLU A 46 -16.74 16.50 1.82
N VAL A 47 -17.09 15.27 1.49
CA VAL A 47 -18.51 14.96 1.53
C VAL A 47 -19.02 14.71 2.95
N MET A 48 -18.14 14.28 3.85
CA MET A 48 -18.52 14.01 5.23
C MET A 48 -18.34 15.21 6.15
N GLY A 49 -17.91 16.32 5.57
CA GLY A 49 -17.69 17.52 6.37
C GLY A 49 -16.60 17.36 7.41
N MET A 50 -15.55 16.61 7.10
CA MET A 50 -14.44 16.41 8.02
C MET A 50 -13.28 17.34 7.75
N THR A 51 -12.41 17.45 8.74
CA THR A 51 -11.21 18.22 8.60
C THR A 51 -10.12 17.20 8.85
N VAL A 52 -9.18 17.10 7.94
CA VAL A 52 -8.12 16.11 8.06
C VAL A 52 -6.71 16.69 7.99
N GLU A 53 -5.78 16.05 8.68
CA GLU A 53 -4.38 16.45 8.67
C GLU A 53 -3.66 15.19 8.22
N PHE A 54 -2.81 15.30 7.21
CA PHE A 54 -2.08 14.13 6.74
C PHE A 54 -0.75 14.03 7.45
N ARG A 55 -0.42 12.85 7.93
CA ARG A 55 0.85 12.60 8.57
C ARG A 55 1.42 11.32 7.95
N LEU A 56 2.08 11.47 6.81
CA LEU A 56 2.65 10.32 6.13
C LEU A 56 4.02 10.05 6.71
N GLY A 57 4.34 8.79 6.93
CA GLY A 57 5.65 8.50 7.48
C GLY A 57 6.19 7.14 7.09
N ALA A 58 7.17 6.69 7.86
CA ALA A 58 7.76 5.37 7.62
C ALA A 58 6.65 4.35 7.88
N TRP A 59 6.53 3.38 6.99
CA TRP A 59 5.49 2.39 7.16
C TRP A 59 5.64 1.50 8.39
N SER A 60 6.88 1.25 8.78
CA SER A 60 7.18 0.39 9.93
C SER A 60 6.65 0.90 11.26
N GLU A 61 5.95 2.02 11.25
CA GLU A 61 5.44 2.58 12.50
C GLU A 61 4.02 3.09 12.41
N MET A 62 3.42 3.01 11.24
CA MET A 62 2.07 3.52 11.09
C MET A 62 1.04 2.61 11.75
N PHE A 63 1.31 1.32 11.81
CA PHE A 63 0.39 0.41 12.43
C PHE A 63 0.39 0.77 13.91
N SER A 64 1.58 0.94 14.45
CA SER A 64 1.72 1.29 15.84
C SER A 64 0.97 2.58 16.13
N ALA A 65 1.34 3.64 15.41
CA ALA A 65 0.72 4.95 15.58
C ALA A 65 -0.81 4.96 15.51
N LEU A 66 -1.40 3.98 14.83
CA LEU A 66 -2.86 3.92 14.77
C LEU A 66 -3.31 3.51 16.17
N LYS A 67 -2.84 2.35 16.64
CA LYS A 67 -3.19 1.88 17.98
C LYS A 67 -2.73 2.91 19.03
N SER A 68 -1.54 3.45 18.81
CA SER A 68 -0.97 4.44 19.70
C SER A 68 -1.83 5.69 19.74
N GLY A 69 -2.69 5.84 18.75
CA GLY A 69 -3.56 7.00 18.68
C GLY A 69 -2.89 8.26 18.15
N ARG A 70 -1.62 8.14 17.72
CA ARG A 70 -0.88 9.28 17.17
C ARG A 70 -1.58 9.77 15.92
N VAL A 71 -2.32 8.87 15.28
CA VAL A 71 -3.08 9.18 14.08
C VAL A 71 -4.42 8.51 14.28
N ASP A 72 -5.45 9.01 13.64
CA ASP A 72 -6.76 8.43 13.84
C ASP A 72 -7.19 7.40 12.83
N VAL A 73 -6.47 7.33 11.71
CA VAL A 73 -6.83 6.40 10.64
C VAL A 73 -5.73 6.22 9.61
N LEU A 74 -5.74 5.06 8.95
CA LEU A 74 -4.77 4.77 7.92
C LEU A 74 -5.60 4.67 6.66
N GLN A 75 -5.23 5.47 5.66
CA GLN A 75 -5.98 5.52 4.39
C GLN A 75 -5.71 4.38 3.44
N GLY A 76 -4.60 3.69 3.62
CA GLY A 76 -4.29 2.60 2.71
C GLY A 76 -3.58 1.41 3.32
N ILE A 77 -4.36 0.43 3.73
CA ILE A 77 -3.78 -0.74 4.34
C ILE A 77 -4.49 -2.00 3.87
N SER A 78 -3.69 -3.02 3.62
CA SER A 78 -4.19 -4.30 3.15
C SER A 78 -4.80 -5.10 4.30
N TRP A 79 -5.91 -5.77 4.01
CA TRP A 79 -6.58 -6.59 5.00
C TRP A 79 -5.91 -7.94 5.20
N SER A 80 -5.99 -8.45 6.43
CA SER A 80 -5.47 -9.77 6.81
C SER A 80 -6.06 -10.15 8.16
N GLU A 81 -6.15 -11.46 8.40
CA GLU A 81 -6.69 -11.96 9.66
C GLU A 81 -5.95 -11.44 10.87
N LYS A 82 -4.62 -11.62 10.88
CA LYS A 82 -3.82 -11.15 12.00
C LYS A 82 -4.06 -9.66 12.20
N ARG A 83 -4.29 -8.97 11.08
CA ARG A 83 -4.50 -7.53 11.10
C ARG A 83 -5.88 -7.14 11.61
N ALA A 84 -6.93 -7.81 11.15
CA ALA A 84 -8.28 -7.50 11.59
C ALA A 84 -8.41 -7.64 13.12
N ARG A 85 -7.61 -8.54 13.69
CA ARG A 85 -7.63 -8.78 15.13
C ARG A 85 -7.19 -7.61 16.00
N GLN A 86 -6.81 -6.50 15.38
CA GLN A 86 -6.34 -5.35 16.16
C GLN A 86 -6.83 -4.00 15.68
N ILE A 87 -7.40 -3.97 14.48
CA ILE A 87 -7.92 -2.72 13.92
C ILE A 87 -9.11 -3.07 13.06
N ASP A 88 -9.95 -2.09 12.79
CA ASP A 88 -11.13 -2.38 11.99
C ASP A 88 -10.94 -1.79 10.61
N PHE A 89 -11.28 -2.57 9.60
CA PHE A 89 -11.14 -2.14 8.23
C PHE A 89 -12.49 -1.79 7.65
N THR A 90 -12.49 -0.77 6.79
CA THR A 90 -13.71 -0.38 6.13
C THR A 90 -13.68 -1.27 4.90
N PRO A 91 -14.72 -1.23 4.06
CA PRO A 91 -14.59 -2.08 2.88
C PRO A 91 -13.36 -1.47 2.18
N PRO A 92 -12.74 -2.21 1.25
CA PRO A 92 -11.55 -1.71 0.54
C PRO A 92 -11.85 -0.73 -0.58
N HIS A 93 -10.94 0.20 -0.85
CA HIS A 93 -11.19 1.13 -1.95
C HIS A 93 -10.44 0.66 -3.21
N THR A 94 -9.57 -0.33 -3.03
CA THR A 94 -8.85 -0.89 -4.17
C THR A 94 -8.29 -2.30 -3.88
N ILE A 95 -7.97 -3.02 -4.94
CA ILE A 95 -7.36 -4.35 -4.82
C ILE A 95 -5.92 -4.26 -5.32
N VAL A 96 -4.98 -4.64 -4.48
CA VAL A 96 -3.56 -4.61 -4.79
C VAL A 96 -2.96 -5.97 -5.12
N TYR A 97 -2.57 -6.17 -6.37
CA TYR A 97 -1.94 -7.42 -6.78
C TYR A 97 -0.46 -7.31 -6.54
N HIS A 98 0.22 -8.45 -6.44
CA HIS A 98 1.67 -8.42 -6.27
C HIS A 98 2.30 -8.99 -7.52
N ALA A 99 3.61 -8.94 -7.55
CA ALA A 99 4.29 -9.47 -8.71
C ALA A 99 5.72 -9.78 -8.35
N ILE A 100 6.30 -10.67 -9.14
CA ILE A 100 7.70 -11.00 -8.94
C ILE A 100 8.43 -10.22 -10.04
N PHE A 101 9.43 -9.48 -9.60
CA PHE A 101 10.27 -8.65 -10.45
C PHE A 101 11.67 -9.25 -10.54
N ALA A 102 12.31 -9.08 -11.69
CA ALA A 102 13.66 -9.58 -11.93
C ALA A 102 14.36 -8.73 -12.98
N ARG A 103 15.69 -8.81 -13.04
CA ARG A 103 16.44 -8.09 -14.07
C ARG A 103 16.14 -8.88 -15.33
N ARG A 104 16.08 -8.18 -16.47
CA ARG A 104 15.77 -8.80 -17.77
C ARG A 104 16.60 -10.01 -18.13
N ASP A 105 17.90 -9.90 -17.94
CA ASP A 105 18.80 -10.99 -18.24
C ASP A 105 18.35 -12.21 -17.44
N SER A 106 18.36 -12.06 -16.11
CA SER A 106 17.99 -13.10 -15.16
C SER A 106 16.95 -14.13 -15.60
N PRO A 107 17.02 -15.32 -14.97
CA PRO A 107 16.14 -16.47 -15.21
C PRO A 107 14.73 -16.14 -14.74
N PRO A 108 13.75 -16.23 -15.63
CA PRO A 108 12.38 -15.90 -15.20
C PRO A 108 11.84 -16.94 -14.21
N ALA A 109 10.84 -16.51 -13.44
CA ALA A 109 10.20 -17.37 -12.46
C ALA A 109 8.72 -17.29 -12.80
N ALA A 110 8.01 -18.41 -12.77
CA ALA A 110 6.59 -18.37 -13.10
C ALA A 110 5.69 -18.32 -11.85
N GLY A 111 6.31 -18.43 -10.68
CA GLY A 111 5.55 -18.38 -9.45
C GLY A 111 6.48 -18.26 -8.27
N LEU A 112 5.93 -17.91 -7.11
CA LEU A 112 6.75 -17.72 -5.93
C LEU A 112 7.37 -18.99 -5.36
N GLU A 113 6.95 -20.15 -5.84
CA GLU A 113 7.55 -21.39 -5.35
C GLU A 113 8.94 -21.50 -5.96
N ASP A 114 9.08 -20.92 -7.16
CA ASP A 114 10.35 -20.95 -7.88
C ASP A 114 11.38 -20.04 -7.21
N LEU A 115 10.96 -19.35 -6.15
CA LEU A 115 11.83 -18.46 -5.40
C LEU A 115 12.49 -19.13 -4.21
N ARG A 116 12.16 -20.39 -3.98
CA ARG A 116 12.76 -21.13 -2.87
C ARG A 116 14.23 -21.29 -3.18
N GLY A 117 15.09 -20.93 -2.23
CA GLY A 117 16.52 -21.05 -2.44
C GLY A 117 17.17 -19.83 -3.07
N ARG A 118 16.36 -18.86 -3.48
CA ARG A 118 16.88 -17.65 -4.10
C ARG A 118 16.80 -16.45 -3.18
N LYS A 119 17.67 -15.48 -3.39
CA LYS A 119 17.70 -14.30 -2.56
C LYS A 119 16.55 -13.39 -3.03
N VAL A 120 15.73 -12.94 -2.09
CA VAL A 120 14.55 -12.13 -2.41
C VAL A 120 14.33 -10.91 -1.56
N ALA A 121 14.14 -9.75 -2.20
CA ALA A 121 13.89 -8.54 -1.44
C ALA A 121 12.40 -8.25 -1.38
N LEU A 122 11.96 -7.60 -0.31
CA LEU A 122 10.56 -7.24 -0.19
C LEU A 122 10.30 -6.33 0.97
N HIS A 123 9.14 -5.69 0.92
CA HIS A 123 8.78 -4.72 1.91
C HIS A 123 8.72 -5.22 3.33
N ARG A 124 9.42 -4.51 4.20
CA ARG A 124 9.51 -4.83 5.62
C ARG A 124 8.17 -4.98 6.36
N ASP A 125 7.72 -6.22 6.50
CA ASP A 125 6.48 -6.57 7.20
C ASP A 125 5.20 -6.35 6.42
N GLY A 126 5.29 -6.29 5.09
CA GLY A 126 4.09 -6.12 4.31
C GLY A 126 3.43 -7.48 4.19
N ILE A 127 2.23 -7.54 3.63
CA ILE A 127 1.52 -8.81 3.49
C ILE A 127 2.41 -9.92 2.91
N MET A 128 3.33 -9.58 2.02
CA MET A 128 4.16 -10.62 1.44
C MET A 128 5.30 -11.06 2.33
N HIS A 129 5.71 -10.20 3.23
CA HIS A 129 6.77 -10.56 4.15
C HIS A 129 6.14 -11.68 4.97
N GLU A 130 5.11 -11.33 5.74
CA GLU A 130 4.40 -12.31 6.56
C GLU A 130 4.09 -13.56 5.75
N TYR A 131 3.52 -13.37 4.57
CA TYR A 131 3.16 -14.50 3.74
C TYR A 131 4.29 -15.45 3.33
N LEU A 132 5.47 -14.92 3.07
CA LEU A 132 6.56 -15.81 2.67
C LEU A 132 7.32 -16.36 3.85
N ALA A 133 7.19 -15.70 5.00
CA ALA A 133 7.85 -16.17 6.22
C ALA A 133 7.15 -17.50 6.57
N GLU A 134 5.82 -17.40 6.69
CA GLU A 134 4.97 -18.53 7.01
C GLU A 134 5.18 -19.65 6.04
N ARG A 135 6.15 -19.49 5.15
CA ARG A 135 6.38 -20.54 4.19
C ARG A 135 7.84 -20.96 4.07
N GLY A 136 8.62 -20.63 5.11
CA GLY A 136 10.03 -20.99 5.18
C GLY A 136 11.05 -20.25 4.33
N TYR A 137 10.64 -19.13 3.74
CA TYR A 137 11.50 -18.32 2.91
C TYR A 137 12.41 -17.41 3.74
N GLY A 138 11.91 -17.00 4.89
CA GLY A 138 12.66 -16.12 5.79
C GLY A 138 14.18 -16.09 5.75
N LYS A 139 14.83 -17.23 5.57
CA LYS A 139 16.30 -17.22 5.55
C LYS A 139 16.82 -16.58 4.28
N ASP A 140 16.19 -16.91 3.15
CA ASP A 140 16.57 -16.40 1.85
C ASP A 140 15.95 -15.07 1.49
N LEU A 141 15.69 -14.20 2.46
CA LEU A 141 15.07 -12.94 2.07
C LEU A 141 15.49 -11.68 2.83
N VAL A 142 15.73 -10.62 2.06
CA VAL A 142 16.16 -9.33 2.57
C VAL A 142 14.98 -8.37 2.73
N LEU A 143 14.94 -7.70 3.87
CA LEU A 143 13.86 -6.78 4.20
C LEU A 143 14.23 -5.33 3.99
N THR A 144 13.38 -4.62 3.27
CA THR A 144 13.65 -3.22 3.00
C THR A 144 12.56 -2.28 3.52
N PRO A 145 12.96 -1.06 3.90
CA PRO A 145 12.08 -0.02 4.44
C PRO A 145 10.97 0.37 3.45
N THR A 146 11.25 0.24 2.15
CA THR A 146 10.24 0.58 1.15
C THR A 146 10.32 -0.39 0.02
N PRO A 147 9.24 -0.52 -0.75
CA PRO A 147 9.30 -1.45 -1.86
C PRO A 147 10.34 -0.99 -2.91
N ALA A 148 10.49 0.33 -3.07
CA ALA A 148 11.44 0.87 -4.02
C ALA A 148 12.85 0.43 -3.63
N ASP A 149 13.15 0.42 -2.33
CA ASP A 149 14.46 -0.04 -1.90
C ASP A 149 14.64 -1.49 -2.29
N ALA A 150 13.55 -2.24 -2.28
CA ALA A 150 13.66 -3.61 -2.69
C ALA A 150 14.05 -3.65 -4.17
N LEU A 151 13.35 -2.86 -4.98
CA LEU A 151 13.60 -2.83 -6.42
C LEU A 151 14.99 -2.27 -6.77
N ARG A 152 15.53 -1.37 -5.96
CA ARG A 152 16.84 -0.83 -6.23
C ARG A 152 17.88 -1.91 -6.06
N LEU A 153 17.74 -2.72 -5.00
CA LEU A 153 18.69 -3.79 -4.73
C LEU A 153 18.65 -4.78 -5.87
N LEU A 154 17.46 -5.11 -6.32
CA LEU A 154 17.38 -6.03 -7.44
C LEU A 154 18.08 -5.42 -8.65
N ALA A 155 17.80 -4.15 -8.91
CA ALA A 155 18.35 -3.44 -10.04
C ALA A 155 19.86 -3.42 -9.97
N ALA A 156 20.35 -3.28 -8.74
CA ALA A 156 21.77 -3.23 -8.46
C ALA A 156 22.46 -4.59 -8.39
N GLY A 157 21.75 -5.65 -8.80
CA GLY A 157 22.31 -6.98 -8.73
C GLY A 157 22.63 -7.39 -7.30
N GLY A 158 21.96 -6.77 -6.35
CA GLY A 158 22.14 -7.05 -4.93
C GLY A 158 21.29 -8.17 -4.33
N CYS A 159 20.43 -8.79 -5.15
CA CYS A 159 19.58 -9.90 -4.71
C CYS A 159 19.10 -10.56 -6.01
N ASP A 160 18.37 -11.66 -5.93
CA ASP A 160 17.95 -12.34 -7.16
C ASP A 160 16.59 -11.99 -7.69
N TYR A 161 15.66 -11.71 -6.80
CA TYR A 161 14.30 -11.37 -7.20
C TYR A 161 13.78 -10.45 -6.16
N ALA A 162 12.66 -9.82 -6.48
CA ALA A 162 11.99 -8.95 -5.53
C ALA A 162 10.51 -9.18 -5.76
N VAL A 163 9.75 -9.11 -4.68
N VAL A 163 9.73 -9.12 -4.69
CA VAL A 163 8.30 -9.29 -4.73
CA VAL A 163 8.28 -9.28 -4.81
C VAL A 163 7.68 -8.04 -4.10
C VAL A 163 7.68 -8.06 -4.12
N VAL A 164 6.94 -7.27 -4.90
CA VAL A 164 6.33 -6.05 -4.37
C VAL A 164 5.04 -5.83 -5.11
N ALA A 165 4.24 -4.89 -4.64
CA ALA A 165 2.97 -4.63 -5.28
C ALA A 165 3.25 -4.18 -6.70
N MET A 166 2.54 -4.82 -7.60
CA MET A 166 2.66 -4.54 -9.01
C MET A 166 2.66 -3.06 -9.42
N VAL A 167 1.56 -2.38 -9.15
CA VAL A 167 1.44 -1.01 -9.58
C VAL A 167 2.54 -0.13 -9.01
N PRO A 168 2.72 -0.16 -7.71
CA PRO A 168 3.80 0.67 -7.18
C PRO A 168 5.13 0.29 -7.88
N GLY A 169 5.26 -0.99 -8.20
CA GLY A 169 6.45 -1.49 -8.85
C GLY A 169 6.70 -0.78 -10.15
N MET A 170 5.70 -0.79 -11.02
CA MET A 170 5.80 -0.11 -12.28
C MET A 170 6.05 1.38 -12.09
N TYR A 171 5.33 2.01 -11.17
CA TYR A 171 5.54 3.44 -10.96
C TYR A 171 6.95 3.71 -10.51
N ILE A 172 7.45 2.83 -9.66
CA ILE A 172 8.79 3.01 -9.15
C ILE A 172 9.84 2.79 -10.23
N ILE A 173 9.59 1.83 -11.09
CA ILE A 173 10.54 1.52 -12.13
C ILE A 173 10.72 2.72 -13.01
N ARG A 174 9.62 3.41 -13.28
CA ARG A 174 9.66 4.60 -14.12
C ARG A 174 10.31 5.77 -13.41
N GLU A 175 9.89 6.03 -12.19
CA GLU A 175 10.43 7.16 -11.46
C GLU A 175 11.91 7.07 -11.12
N ASN A 176 12.32 5.91 -10.66
CA ASN A 176 13.70 5.74 -10.28
C ASN A 176 14.51 5.15 -11.43
N ARG A 177 13.94 5.13 -12.63
CA ARG A 177 14.64 4.62 -13.79
C ARG A 177 15.36 3.28 -13.65
N LEU A 178 14.67 2.31 -13.07
CA LEU A 178 15.24 0.97 -12.92
C LEU A 178 14.84 0.21 -14.17
N THR A 179 15.42 0.62 -15.30
CA THR A 179 15.04 0.04 -16.57
C THR A 179 15.53 -1.34 -16.93
N ASN A 180 16.23 -2.00 -16.01
CA ASN A 180 16.66 -3.37 -16.27
C ASN A 180 15.67 -4.32 -15.57
N LEU A 181 14.67 -3.76 -14.87
CA LEU A 181 13.67 -4.60 -14.17
C LEU A 181 12.41 -4.87 -14.97
N VAL A 182 11.91 -6.08 -14.87
CA VAL A 182 10.65 -6.47 -15.54
C VAL A 182 9.88 -7.30 -14.55
N PRO A 183 8.56 -7.25 -14.63
CA PRO A 183 7.73 -8.03 -13.71
C PRO A 183 7.56 -9.36 -14.41
N VAL A 184 8.06 -10.44 -13.82
CA VAL A 184 7.93 -11.75 -14.46
C VAL A 184 6.70 -12.52 -14.00
N ALA A 185 6.51 -12.64 -12.70
CA ALA A 185 5.35 -13.34 -12.16
C ALA A 185 4.35 -12.28 -11.76
N ARG A 186 3.26 -12.20 -12.52
CA ARG A 186 2.24 -11.21 -12.26
C ARG A 186 1.01 -11.72 -11.53
N SER A 187 0.04 -10.82 -11.39
CA SER A 187 -1.24 -11.08 -10.74
C SER A 187 -1.29 -12.16 -9.64
N ILE A 188 -0.22 -12.30 -8.87
CA ILE A 188 -0.26 -13.28 -7.81
C ILE A 188 -0.50 -12.57 -6.47
N ALA A 189 -1.28 -13.22 -5.61
CA ALA A 189 -1.63 -12.72 -4.26
C ALA A 189 -2.32 -11.36 -4.15
N ALA A 190 -3.55 -11.26 -4.63
CA ALA A 190 -4.34 -10.00 -4.57
C ALA A 190 -4.74 -9.58 -3.14
N GLN A 191 -4.71 -8.28 -2.86
CA GLN A 191 -5.05 -7.78 -1.53
C GLN A 191 -6.20 -6.78 -1.53
N ARG A 192 -6.95 -6.75 -0.43
CA ARG A 192 -8.07 -5.80 -0.29
C ARG A 192 -7.44 -4.67 0.50
N TYR A 193 -7.37 -3.50 -0.13
CA TYR A 193 -6.69 -2.32 0.44
C TYR A 193 -7.66 -1.15 0.72
N GLY A 194 -7.60 -0.59 1.93
CA GLY A 194 -8.52 0.50 2.23
C GLY A 194 -8.26 1.19 3.54
N TYR A 195 -9.25 1.92 4.06
CA TYR A 195 -9.01 2.60 5.32
C TYR A 195 -9.11 1.63 6.48
N ALA A 196 -8.57 2.05 7.61
CA ALA A 196 -8.59 1.28 8.84
C ALA A 196 -8.43 2.24 10.02
N VAL A 197 -9.12 1.94 11.12
CA VAL A 197 -9.09 2.73 12.36
C VAL A 197 -8.93 1.81 13.56
N ARG A 198 -8.64 2.38 14.73
CA ARG A 198 -8.46 1.60 15.95
C ARG A 198 -9.62 0.67 16.25
N GLN A 199 -9.32 -0.54 16.71
CA GLN A 199 -10.35 -1.53 17.05
C GLN A 199 -11.43 -0.90 17.92
N GLY A 200 -12.68 -1.11 17.55
CA GLY A 200 -13.80 -0.54 18.32
C GLY A 200 -14.07 0.95 18.19
N ASP A 201 -13.78 1.52 17.02
CA ASP A 201 -14.01 2.95 16.81
C ASP A 201 -15.06 3.11 15.73
N ALA A 202 -16.06 2.24 15.79
CA ALA A 202 -17.17 2.23 14.84
C ALA A 202 -17.65 3.58 14.32
N GLU A 203 -17.42 4.64 15.08
CA GLU A 203 -17.87 5.94 14.63
C GLU A 203 -17.05 6.32 13.40
N LEU A 204 -15.76 6.54 13.64
CA LEU A 204 -14.84 6.91 12.58
C LEU A 204 -14.96 5.88 11.45
N LEU A 205 -14.97 4.61 11.81
CA LEU A 205 -15.11 3.59 10.82
C LEU A 205 -16.28 3.87 9.87
N ALA A 206 -17.44 4.14 10.43
CA ALA A 206 -18.65 4.38 9.65
C ALA A 206 -18.60 5.70 8.90
N ARG A 207 -17.87 6.63 9.47
CA ARG A 207 -17.72 7.93 8.87
C ARG A 207 -17.04 7.72 7.51
N PHE A 208 -15.96 6.95 7.51
CA PHE A 208 -15.22 6.68 6.28
C PHE A 208 -15.93 5.75 5.32
N SER A 209 -16.57 4.71 5.84
CA SER A 209 -17.25 3.77 4.97
C SER A 209 -18.34 4.47 4.19
N GLU A 210 -19.04 5.35 4.88
CA GLU A 210 -20.13 6.11 4.29
C GLU A 210 -19.59 7.04 3.19
N GLY A 211 -18.49 7.72 3.48
CA GLY A 211 -17.89 8.60 2.49
C GLY A 211 -17.51 7.80 1.25
N LEU A 212 -16.86 6.65 1.46
CA LEU A 212 -16.45 5.80 0.33
C LEU A 212 -17.67 5.39 -0.46
N ALA A 213 -18.70 4.93 0.24
CA ALA A 213 -19.92 4.51 -0.42
C ALA A 213 -20.51 5.66 -1.21
N ILE A 214 -20.43 6.87 -0.66
CA ILE A 214 -20.99 8.02 -1.36
C ILE A 214 -20.21 8.31 -2.64
N LEU A 215 -18.88 8.38 -2.53
CA LEU A 215 -18.04 8.59 -3.73
C LEU A 215 -18.36 7.56 -4.83
N ARG A 216 -18.60 6.31 -4.44
CA ARG A 216 -18.93 5.31 -5.45
C ARG A 216 -20.26 5.56 -6.13
N LYS A 217 -21.28 5.99 -5.40
CA LYS A 217 -22.57 6.22 -6.04
C LYS A 217 -22.66 7.51 -6.86
N THR A 218 -21.74 8.45 -6.62
CA THR A 218 -21.83 9.70 -7.37
C THR A 218 -20.95 9.74 -8.60
N GLY A 219 -20.02 8.79 -8.68
CA GLY A 219 -19.13 8.75 -9.82
C GLY A 219 -17.79 9.43 -9.54
N GLN A 220 -17.67 10.06 -8.38
CA GLN A 220 -16.43 10.77 -8.06
C GLN A 220 -15.32 9.77 -7.83
N TYR A 221 -15.68 8.60 -7.28
CA TYR A 221 -14.71 7.55 -7.02
C TYR A 221 -14.00 7.13 -8.31
N GLU A 222 -14.77 6.81 -9.34
CA GLU A 222 -14.17 6.40 -10.60
C GLU A 222 -13.38 7.56 -11.22
N ALA A 223 -13.87 8.78 -11.08
CA ALA A 223 -13.19 9.96 -11.63
C ALA A 223 -11.82 10.04 -11.02
N ILE A 224 -11.74 9.81 -9.73
CA ILE A 224 -10.45 9.87 -9.07
C ILE A 224 -9.59 8.69 -9.48
N ARG A 225 -10.20 7.51 -9.52
CA ARG A 225 -9.44 6.31 -9.89
C ARG A 225 -8.91 6.37 -11.31
N ALA A 226 -9.71 6.87 -12.24
CA ALA A 226 -9.26 6.91 -13.64
C ALA A 226 -7.98 7.73 -13.78
N LYS A 227 -7.76 8.69 -12.88
N LYS A 227 -7.76 8.69 -12.88
CA LYS A 227 -6.58 9.53 -12.92
CA LYS A 227 -6.58 9.52 -12.93
C LYS A 227 -5.30 8.71 -12.78
C LYS A 227 -5.30 8.70 -12.79
N TRP A 228 -5.31 7.75 -11.87
CA TRP A 228 -4.16 6.91 -11.62
C TRP A 228 -4.21 5.57 -12.35
N LEU A 229 -3.58 5.54 -13.53
CA LEU A 229 -3.53 4.36 -14.41
C LEU A 229 -3.11 3.09 -13.69
N GLY A 230 -3.85 2.01 -13.96
CA GLY A 230 -3.53 0.72 -13.36
C GLY A 230 -4.20 0.47 -12.02
N VAL A 231 -4.69 1.53 -11.38
CA VAL A 231 -5.36 1.38 -10.09
C VAL A 231 -6.70 0.66 -10.34
N LEU A 232 -6.87 -0.47 -9.70
CA LEU A 232 -8.06 -1.28 -9.89
C LEU A 232 -9.12 -0.97 -8.84
N GLU A 233 -10.31 -1.47 -9.09
CA GLU A 233 -11.42 -1.27 -8.16
C GLU A 233 -11.98 -2.64 -7.80
N PRO A 234 -12.46 -2.80 -6.55
CA PRO A 234 -13.02 -4.08 -6.10
C PRO A 234 -14.10 -4.68 -7.02
NA NA B . -11.72 -5.86 13.45
#